data_3L0U
#
_entry.id   3L0U
#
_cell.length_a   99.450
_cell.length_b   99.450
_cell.length_c   110.330
_cell.angle_alpha   90.000
_cell.angle_beta   90.000
_cell.angle_gamma   120.000
#
_symmetry.space_group_name_H-M   'P 62 2 2'
#
loop_
_entity.id
_entity.type
_entity.pdbx_description
1 polymer 'Unmodified tRNAPhe'
2 non-polymer 'MAGNESIUM ION'
3 non-polymer 'POTASSIUM ION'
4 water water
#
_entity_poly.entity_id   1
_entity_poly.type   'polyribonucleotide'
_entity_poly.pdbx_seq_one_letter_code
;GCGCGGAUAGCUCAGUCGGUAGAGCAGGGGAUUGAAAAUCCCCGUGUCCUUGGUUCGAUUCCGAGUCCGCGCACCA
;
_entity_poly.pdbx_strand_id   A
#